data_9AR1
#
_entry.id   9AR1
#
_cell.length_a   139.327
_cell.length_b   139.327
_cell.length_c   226.946
_cell.angle_alpha   90.00
_cell.angle_beta   90.00
_cell.angle_gamma   120.00
#
_symmetry.space_group_name_H-M   'H 3 2'
#
loop_
_entity.id
_entity.type
_entity.pdbx_description
1 polymer 'dTDP-glucose 4,6-dehydratase related protein'
2 non-polymer NICOTINAMIDE-ADENINE-DINUCLEOTIDE
3 non-polymer 1,2-ETHANEDIOL
4 non-polymer "URIDINE-5'-DIPHOSPHATE-XYLOPYRANOSE"
5 non-polymer "URIDINE-5'-DIPHOSPHATE"
6 non-polymer GLYCEROL
7 water water
#
_entity_poly.entity_id   1
_entity_poly.type   'polypeptide(L)'
_entity_poly.pdbx_seq_one_letter_code
;MGSSHHHHHHSSGLVPRGSHMLEDPAANKARKEAELAAATAEQMETQRILVTGGAGFIGTNLVNELRNRGHEVLAVDLMH
TEREDYMRADVREYRQVERIFEEDKFDYVYHLAAEYGRWNGEDYYENLWKTNVIGTKHMLRMQEKLGFRMIFFSSAEVYG
DYSGLMSEDVMVKNPISDTYQMNDYAITKWAGELMCMNSAEMFGTETVRVRPVNCYGPHEKYSPYKGFIPIFIYHALHRK
PYTVYKGHKRIIDYVEDSVRTFANIVDNFIPGEVYNVGGRTEWEHDIKEYSDMVLEAVGIDDSIVTYRESEPFTTKVKTM
DFSKAIRDLKHDPQVPPEEGIRRTVEWMKWYYRIED
;
_entity_poly.pdbx_strand_id   A,B
#
# COMPACT_ATOMS: atom_id res chain seq x y z
N THR A 46 -21.59 -5.10 -28.91
CA THR A 46 -20.99 -6.20 -28.11
C THR A 46 -19.46 -6.03 -28.05
N GLN A 47 -18.94 -6.09 -26.84
CA GLN A 47 -17.54 -5.76 -26.52
C GLN A 47 -16.75 -7.07 -26.34
N ARG A 48 -15.43 -6.97 -26.46
CA ARG A 48 -14.49 -8.04 -26.07
C ARG A 48 -13.98 -7.69 -24.65
N ILE A 49 -14.18 -8.59 -23.71
CA ILE A 49 -13.96 -8.31 -22.26
C ILE A 49 -13.04 -9.39 -21.67
N LEU A 50 -12.08 -8.95 -20.86
CA LEU A 50 -11.22 -9.81 -20.02
C LEU A 50 -11.71 -9.72 -18.57
N VAL A 51 -11.88 -10.85 -17.90
CA VAL A 51 -12.14 -10.91 -16.44
C VAL A 51 -11.00 -11.68 -15.80
N THR A 52 -10.08 -10.99 -15.11
CA THR A 52 -9.07 -11.65 -14.29
C THR A 52 -9.77 -12.08 -13.00
N GLY A 53 -9.28 -13.14 -12.36
CA GLY A 53 -9.98 -13.75 -11.21
C GLY A 53 -11.29 -14.35 -11.70
N GLY A 54 -11.35 -14.71 -13.00
CA GLY A 54 -12.60 -15.13 -13.64
C GLY A 54 -13.04 -16.51 -13.24
N ALA A 55 -12.26 -17.26 -12.45
CA ALA A 55 -12.72 -18.58 -11.94
C ALA A 55 -13.10 -18.48 -10.46
N GLY A 56 -13.03 -17.30 -9.87
CA GLY A 56 -13.46 -17.06 -8.47
C GLY A 56 -14.95 -16.98 -8.34
N PHE A 57 -15.38 -16.61 -7.15
CA PHE A 57 -16.81 -16.45 -6.78
C PHE A 57 -17.49 -15.34 -7.59
N ILE A 58 -17.07 -14.11 -7.45
CA ILE A 58 -17.70 -12.99 -8.20
C ILE A 58 -17.38 -13.16 -9.67
N GLY A 59 -16.13 -13.51 -9.96
CA GLY A 59 -15.61 -13.68 -11.33
C GLY A 59 -16.48 -14.62 -12.15
N THR A 60 -16.83 -15.78 -11.60
CA THR A 60 -17.60 -16.82 -12.33
C THR A 60 -18.96 -16.25 -12.68
N ASN A 61 -19.61 -15.63 -11.68
CA ASN A 61 -20.93 -14.96 -11.83
C ASN A 61 -20.85 -13.82 -12.85
N LEU A 62 -19.80 -13.03 -12.80
CA LEU A 62 -19.68 -11.85 -13.67
C LEU A 62 -19.47 -12.28 -15.13
N VAL A 63 -18.59 -13.25 -15.35
CA VAL A 63 -18.31 -13.85 -16.69
C VAL A 63 -19.65 -14.33 -17.27
N ASN A 64 -20.44 -15.03 -16.47
CA ASN A 64 -21.75 -15.55 -16.93
C ASN A 64 -22.69 -14.39 -17.29
N GLU A 65 -22.78 -13.34 -16.47
CA GLU A 65 -23.62 -12.13 -16.70
C GLU A 65 -23.19 -11.46 -18.01
N LEU A 66 -21.91 -11.17 -18.15
CA LEU A 66 -21.38 -10.51 -19.36
C LEU A 66 -21.68 -11.37 -20.61
N ARG A 67 -21.52 -12.69 -20.52
CA ARG A 67 -21.78 -13.60 -21.69
C ARG A 67 -23.27 -13.62 -22.01
N ASN A 68 -24.14 -13.65 -20.99
CA ASN A 68 -25.60 -13.55 -21.16
C ASN A 68 -25.96 -12.24 -21.87
N ARG A 69 -25.16 -11.19 -21.77
CA ARG A 69 -25.48 -9.93 -22.48
C ARG A 69 -24.94 -9.96 -23.90
N GLY A 70 -24.25 -11.05 -24.28
CA GLY A 70 -23.74 -11.21 -25.65
C GLY A 70 -22.33 -10.65 -25.79
N HIS A 71 -21.65 -10.27 -24.70
CA HIS A 71 -20.23 -9.88 -24.80
C HIS A 71 -19.36 -11.13 -25.10
N GLU A 72 -18.24 -10.93 -25.78
CA GLU A 72 -17.19 -11.97 -25.90
C GLU A 72 -16.27 -11.84 -24.69
N VAL A 73 -16.17 -12.88 -23.88
CA VAL A 73 -15.46 -12.80 -22.56
C VAL A 73 -14.38 -13.88 -22.46
N LEU A 74 -13.14 -13.48 -22.19
CA LEU A 74 -12.04 -14.35 -21.75
C LEU A 74 -11.89 -14.24 -20.23
N ALA A 75 -11.98 -15.36 -19.54
CA ALA A 75 -11.80 -15.53 -18.09
C ALA A 75 -10.36 -15.98 -17.90
N VAL A 76 -9.67 -15.35 -16.95
CA VAL A 76 -8.27 -15.68 -16.63
C VAL A 76 -8.17 -15.87 -15.11
N ASP A 77 -7.46 -16.90 -14.68
CA ASP A 77 -7.28 -17.18 -13.22
C ASP A 77 -6.00 -18.01 -13.06
N LEU A 78 -5.69 -18.43 -11.84
CA LEU A 78 -4.33 -18.82 -11.41
C LEU A 78 -4.10 -20.33 -11.68
N MET A 79 -5.15 -21.08 -12.02
CA MET A 79 -5.09 -22.56 -12.12
C MET A 79 -5.68 -22.96 -13.48
N HIS A 80 -5.31 -24.14 -13.99
CA HIS A 80 -5.93 -24.72 -15.21
C HIS A 80 -7.32 -25.20 -14.83
N THR A 81 -8.27 -25.18 -15.76
CA THR A 81 -9.64 -25.65 -15.50
C THR A 81 -10.16 -26.37 -16.75
N GLU A 82 -11.39 -26.82 -16.70
CA GLU A 82 -11.97 -27.45 -17.86
C GLU A 82 -12.79 -26.45 -18.65
N ARG A 83 -12.80 -25.19 -18.26
CA ARG A 83 -13.73 -24.19 -18.84
C ARG A 83 -13.28 -23.82 -20.26
N GLU A 84 -14.26 -23.46 -21.10
CA GLU A 84 -14.05 -22.83 -22.43
C GLU A 84 -13.84 -21.33 -22.25
N ASP A 85 -13.19 -20.70 -23.22
CA ASP A 85 -12.90 -19.26 -23.21
C ASP A 85 -12.22 -18.93 -21.86
N TYR A 86 -11.24 -19.74 -21.49
CA TYR A 86 -10.51 -19.64 -20.21
C TYR A 86 -9.03 -19.83 -20.47
N MET A 87 -8.19 -19.07 -19.78
CA MET A 87 -6.72 -19.21 -19.88
C MET A 87 -6.14 -19.02 -18.48
N ARG A 88 -5.20 -19.86 -18.08
CA ARG A 88 -4.41 -19.65 -16.86
C ARG A 88 -3.46 -18.48 -17.10
N ALA A 89 -3.47 -17.53 -16.19
CA ALA A 89 -2.41 -16.49 -16.15
C ALA A 89 -2.23 -16.05 -14.72
N ASP A 90 -1.03 -16.21 -14.21
CA ASP A 90 -0.64 -15.67 -12.89
C ASP A 90 -0.32 -14.19 -13.08
N VAL A 91 -1.17 -13.30 -12.54
CA VAL A 91 -1.06 -11.83 -12.77
C VAL A 91 0.16 -11.28 -12.06
N ARG A 92 0.80 -12.02 -11.16
CA ARG A 92 2.11 -11.61 -10.58
C ARG A 92 3.22 -11.64 -11.65
N GLU A 93 3.01 -12.42 -12.74
CA GLU A 93 4.06 -12.73 -13.72
C GLU A 93 3.82 -11.90 -14.98
N TYR A 94 4.64 -10.87 -15.19
CA TYR A 94 4.36 -9.90 -16.27
C TYR A 94 4.24 -10.61 -17.62
N ARG A 95 5.11 -11.61 -17.84
CA ARG A 95 5.15 -12.36 -19.11
C ARG A 95 3.77 -12.99 -19.35
N GLN A 96 3.19 -13.58 -18.32
CA GLN A 96 1.90 -14.28 -18.43
C GLN A 96 0.78 -13.25 -18.61
N VAL A 97 0.91 -12.04 -18.02
CA VAL A 97 -0.10 -10.97 -18.23
C VAL A 97 -0.03 -10.50 -19.69
N GLU A 98 1.19 -10.25 -20.18
CA GLU A 98 1.40 -9.75 -21.57
C GLU A 98 0.86 -10.77 -22.58
N ARG A 99 1.03 -12.05 -22.29
CA ARG A 99 0.55 -13.14 -23.17
C ARG A 99 -0.98 -13.05 -23.31
N ILE A 100 -1.72 -12.64 -22.28
CA ILE A 100 -3.22 -12.49 -22.37
C ILE A 100 -3.53 -11.55 -23.53
N PHE A 101 -2.74 -10.49 -23.67
CA PHE A 101 -3.05 -9.38 -24.61
C PHE A 101 -2.43 -9.60 -25.99
N GLU A 102 -1.63 -10.64 -26.19
CA GLU A 102 -0.93 -10.86 -27.49
C GLU A 102 -1.96 -11.46 -28.46
N GLU A 103 -2.86 -12.30 -27.95
CA GLU A 103 -3.95 -12.92 -28.72
C GLU A 103 -4.84 -11.81 -29.29
N ASP A 104 -5.68 -11.16 -28.47
CA ASP A 104 -6.65 -10.20 -29.03
C ASP A 104 -6.60 -8.85 -28.30
N LYS A 105 -7.43 -7.95 -28.77
CA LYS A 105 -7.73 -6.63 -28.19
C LYS A 105 -8.94 -6.76 -27.26
N PHE A 106 -8.85 -6.17 -26.09
CA PHE A 106 -10.00 -6.05 -25.16
C PHE A 106 -10.47 -4.60 -25.14
N ASP A 107 -11.78 -4.41 -25.23
CA ASP A 107 -12.42 -3.09 -24.99
C ASP A 107 -12.45 -2.77 -23.48
N TYR A 108 -12.88 -3.74 -22.66
CA TYR A 108 -12.98 -3.63 -21.18
C TYR A 108 -12.22 -4.77 -20.50
N VAL A 109 -11.58 -4.44 -19.37
CA VAL A 109 -10.93 -5.41 -18.45
C VAL A 109 -11.52 -5.23 -17.06
N TYR A 110 -12.16 -6.27 -16.53
CA TYR A 110 -12.57 -6.35 -15.12
C TYR A 110 -11.45 -7.04 -14.35
N HIS A 111 -10.76 -6.27 -13.53
CA HIS A 111 -9.60 -6.77 -12.76
C HIS A 111 -10.04 -7.21 -11.35
N LEU A 112 -10.35 -8.49 -11.16
CA LEU A 112 -10.73 -9.06 -9.83
C LEU A 112 -9.61 -9.92 -9.24
N ALA A 113 -8.58 -10.31 -10.01
CA ALA A 113 -7.57 -11.28 -9.55
C ALA A 113 -7.00 -10.76 -8.22
N ALA A 114 -7.10 -11.55 -7.17
CA ALA A 114 -6.71 -11.11 -5.84
C ALA A 114 -6.63 -12.26 -4.87
N GLU A 115 -5.82 -12.05 -3.85
CA GLU A 115 -5.92 -12.80 -2.57
C GLU A 115 -6.99 -12.10 -1.77
N TYR A 116 -8.08 -12.82 -1.54
CA TYR A 116 -9.26 -12.23 -0.90
C TYR A 116 -9.41 -12.62 0.58
N GLY A 117 -9.69 -11.62 1.40
CA GLY A 117 -10.05 -11.87 2.82
C GLY A 117 -9.01 -11.28 3.75
N ARG A 118 -9.48 -10.68 4.84
CA ARG A 118 -8.55 -9.96 5.75
C ARG A 118 -7.60 -10.94 6.44
N TRP A 119 -8.10 -12.06 6.98
N TRP A 119 -8.12 -12.07 6.96
CA TRP A 119 -7.19 -13.00 7.68
CA TRP A 119 -7.30 -13.08 7.67
C TRP A 119 -6.41 -13.85 6.67
C TRP A 119 -6.42 -13.84 6.67
N ASN A 120 -6.96 -14.17 5.49
CA ASN A 120 -6.14 -14.77 4.40
C ASN A 120 -4.92 -13.87 4.16
N GLY A 121 -5.13 -12.57 4.09
CA GLY A 121 -4.09 -11.58 3.77
C GLY A 121 -2.98 -11.60 4.82
N GLU A 122 -3.33 -11.75 6.09
CA GLU A 122 -2.32 -11.76 7.18
C GLU A 122 -1.54 -13.07 7.12
N ASP A 123 -2.23 -14.19 6.89
CA ASP A 123 -1.62 -15.54 6.93
C ASP A 123 -0.82 -15.83 5.65
N TYR A 124 -1.11 -15.17 4.54
CA TYR A 124 -0.48 -15.45 3.25
C TYR A 124 -0.10 -14.15 2.56
N TYR A 125 0.64 -13.33 3.30
CA TYR A 125 0.87 -11.91 2.89
C TYR A 125 1.81 -11.79 1.69
N GLU A 126 2.72 -12.73 1.50
CA GLU A 126 3.64 -12.74 0.34
C GLU A 126 2.76 -12.80 -0.92
N ASN A 127 1.83 -13.73 -0.95
CA ASN A 127 0.93 -13.97 -2.11
C ASN A 127 0.05 -12.71 -2.28
N LEU A 128 -0.47 -12.22 -1.17
CA LEU A 128 -1.31 -10.98 -1.12
C LEU A 128 -0.65 -9.81 -1.85
N TRP A 129 0.53 -9.37 -1.39
CA TRP A 129 1.17 -8.17 -1.95
C TRP A 129 1.57 -8.36 -3.40
N LYS A 130 2.09 -9.54 -3.74
CA LYS A 130 2.60 -9.82 -5.10
C LYS A 130 1.39 -9.83 -6.04
N THR A 131 0.34 -10.53 -5.68
CA THR A 131 -0.87 -10.60 -6.55
C THR A 131 -1.62 -9.24 -6.55
N ASN A 132 -2.04 -8.74 -5.39
CA ASN A 132 -2.99 -7.58 -5.32
C ASN A 132 -2.34 -6.29 -5.82
N VAL A 133 -1.06 -6.07 -5.54
CA VAL A 133 -0.41 -4.80 -5.90
C VAL A 133 0.48 -4.94 -7.14
N ILE A 134 1.47 -5.84 -7.12
CA ILE A 134 2.36 -5.99 -8.32
C ILE A 134 1.48 -6.42 -9.52
N GLY A 135 0.58 -7.36 -9.30
CA GLY A 135 -0.34 -7.79 -10.38
C GLY A 135 -1.12 -6.64 -10.93
N THR A 136 -1.64 -5.76 -10.06
CA THR A 136 -2.41 -4.57 -10.48
C THR A 136 -1.49 -3.64 -11.26
N LYS A 137 -0.27 -3.43 -10.79
CA LYS A 137 0.66 -2.55 -11.51
C LYS A 137 0.98 -3.13 -12.92
N HIS A 138 1.10 -4.47 -13.07
CA HIS A 138 1.27 -5.08 -14.42
C HIS A 138 0.05 -4.74 -15.29
N MET A 139 -1.15 -4.85 -14.73
CA MET A 139 -2.40 -4.52 -15.47
C MET A 139 -2.39 -3.05 -15.91
N LEU A 140 -1.93 -2.14 -15.05
CA LEU A 140 -1.88 -0.69 -15.34
C LEU A 140 -0.84 -0.43 -16.43
N ARG A 141 0.30 -1.14 -16.41
CA ARG A 141 1.34 -0.98 -17.45
C ARG A 141 0.75 -1.45 -18.79
N MET A 142 -0.02 -2.52 -18.78
CA MET A 142 -0.70 -2.99 -19.97
C MET A 142 -1.73 -1.94 -20.47
N GLN A 143 -2.54 -1.41 -19.56
CA GLN A 143 -3.56 -0.34 -19.85
C GLN A 143 -2.87 0.92 -20.43
N GLU A 144 -1.75 1.35 -19.87
CA GLU A 144 -0.96 2.50 -20.42
C GLU A 144 -0.43 2.18 -21.83
N LYS A 145 -0.10 0.94 -22.14
CA LYS A 145 0.37 0.57 -23.49
C LYS A 145 -0.83 0.48 -24.46
N LEU A 146 -1.94 -0.14 -24.03
CA LEU A 146 -3.00 -0.63 -24.95
C LEU A 146 -4.23 0.25 -24.94
N GLY A 147 -4.53 0.96 -23.85
CA GLY A 147 -5.64 1.96 -23.78
C GLY A 147 -7.01 1.32 -23.57
N PHE A 148 -7.10 0.07 -23.12
CA PHE A 148 -8.40 -0.51 -22.71
C PHE A 148 -8.96 0.24 -21.50
N ARG A 149 -10.25 0.08 -21.28
CA ARG A 149 -10.95 0.60 -20.08
C ARG A 149 -10.94 -0.50 -19.03
N MET A 150 -10.65 -0.12 -17.78
CA MET A 150 -10.52 -1.09 -16.69
C MET A 150 -11.52 -0.78 -15.57
N ILE A 151 -12.09 -1.83 -15.00
CA ILE A 151 -12.86 -1.78 -13.74
C ILE A 151 -11.97 -2.45 -12.67
N PHE A 152 -11.48 -1.66 -11.74
CA PHE A 152 -10.60 -2.12 -10.66
C PHE A 152 -11.42 -2.52 -9.45
N PHE A 153 -11.23 -3.73 -8.96
CA PHE A 153 -11.94 -4.23 -7.77
C PHE A 153 -11.13 -3.92 -6.52
N SER A 154 -11.65 -2.95 -5.78
CA SER A 154 -11.18 -2.51 -4.44
C SER A 154 -12.01 -3.25 -3.41
N SER A 155 -12.38 -2.60 -2.30
CA SER A 155 -13.15 -3.23 -1.19
C SER A 155 -13.65 -2.12 -0.25
N ALA A 156 -14.82 -2.31 0.33
CA ALA A 156 -15.30 -1.46 1.43
C ALA A 156 -14.35 -1.56 2.65
N GLU A 157 -13.39 -2.48 2.68
CA GLU A 157 -12.32 -2.53 3.73
C GLU A 157 -11.43 -1.27 3.69
N VAL A 158 -11.43 -0.52 2.58
CA VAL A 158 -10.61 0.71 2.48
C VAL A 158 -11.15 1.78 3.43
N TYR A 159 -12.42 1.72 3.85
CA TYR A 159 -13.03 2.69 4.83
C TYR A 159 -12.53 2.40 6.27
N GLY A 160 -11.80 1.31 6.50
CA GLY A 160 -11.25 1.02 7.82
C GLY A 160 -12.34 0.73 8.82
N ASP A 161 -12.24 1.25 10.04
CA ASP A 161 -13.28 1.04 11.09
C ASP A 161 -14.21 2.28 11.19
N TYR A 162 -14.40 3.03 10.12
CA TYR A 162 -15.27 4.20 10.10
C TYR A 162 -16.68 3.84 10.57
N SER A 163 -17.23 4.65 11.48
N SER A 163 -17.24 4.65 11.48
CA SER A 163 -18.54 4.38 12.14
CA SER A 163 -18.54 4.35 12.13
C SER A 163 -19.69 5.09 11.43
C SER A 163 -19.70 5.10 11.43
N GLY A 164 -19.41 6.00 10.50
CA GLY A 164 -20.43 6.84 9.83
C GLY A 164 -20.90 6.24 8.49
N LEU A 165 -21.64 7.01 7.73
CA LEU A 165 -22.16 6.57 6.42
C LEU A 165 -20.97 6.39 5.47
N MET A 166 -20.78 5.18 4.93
CA MET A 166 -19.64 4.91 4.03
C MET A 166 -20.07 5.35 2.61
N SER A 167 -20.01 6.64 2.39
CA SER A 167 -20.12 7.30 1.08
C SER A 167 -18.74 7.26 0.44
N GLU A 168 -18.67 7.18 -0.87
CA GLU A 168 -17.37 7.11 -1.57
C GLU A 168 -16.49 8.30 -1.16
N ASP A 169 -17.06 9.49 -0.91
CA ASP A 169 -16.29 10.73 -0.66
C ASP A 169 -15.69 10.72 0.76
N VAL A 170 -16.03 9.76 1.59
CA VAL A 170 -15.25 9.55 2.85
C VAL A 170 -13.76 9.30 2.54
N MET A 171 -13.43 8.71 1.38
CA MET A 171 -12.01 8.46 0.96
C MET A 171 -11.48 9.67 0.20
N VAL A 172 -12.16 10.82 0.30
CA VAL A 172 -11.72 12.12 -0.26
C VAL A 172 -11.65 13.17 0.85
N LYS A 173 -12.76 13.45 1.52
CA LYS A 173 -12.87 14.67 2.37
C LYS A 173 -12.72 14.32 3.85
N ASN A 174 -12.94 13.09 4.29
CA ASN A 174 -12.80 12.78 5.73
C ASN A 174 -11.33 12.81 6.15
N PRO A 175 -11.09 13.16 7.44
CA PRO A 175 -9.75 13.04 8.01
C PRO A 175 -9.20 11.64 7.69
N ILE A 176 -7.91 11.58 7.35
CA ILE A 176 -7.22 10.30 6.99
C ILE A 176 -7.33 9.27 8.14
N SER A 177 -7.27 9.70 9.41
CA SER A 177 -7.33 8.75 10.56
C SER A 177 -8.71 8.07 10.61
N ASP A 178 -9.74 8.64 10.01
CA ASP A 178 -11.09 8.02 10.03
C ASP A 178 -11.07 6.64 9.34
N THR A 179 -10.22 6.44 8.33
CA THR A 179 -10.29 5.25 7.47
C THR A 179 -8.99 4.45 7.45
N TYR A 180 -8.04 4.68 8.36
CA TYR A 180 -6.79 3.89 8.40
C TYR A 180 -7.11 2.40 8.19
N GLN A 181 -6.49 1.78 7.19
CA GLN A 181 -6.81 0.38 6.84
C GLN A 181 -6.22 -0.50 7.94
N MET A 182 -6.99 -1.49 8.38
CA MET A 182 -6.74 -2.27 9.61
C MET A 182 -6.01 -3.60 9.31
N ASN A 183 -5.72 -3.92 8.04
CA ASN A 183 -5.09 -5.22 7.66
C ASN A 183 -4.45 -5.05 6.28
N ASP A 184 -3.47 -5.89 5.96
CA ASP A 184 -2.70 -5.79 4.71
C ASP A 184 -3.69 -5.84 3.53
N TYR A 185 -4.68 -6.70 3.58
CA TYR A 185 -5.65 -6.82 2.45
C TYR A 185 -6.26 -5.46 2.16
N ALA A 186 -6.84 -4.79 3.16
CA ALA A 186 -7.42 -3.44 3.06
C ALA A 186 -6.40 -2.45 2.47
N ILE A 187 -5.16 -2.46 2.96
CA ILE A 187 -4.11 -1.56 2.40
C ILE A 187 -3.86 -1.89 0.92
N THR A 188 -3.88 -3.17 0.50
CA THR A 188 -3.58 -3.48 -0.92
C THR A 188 -4.62 -2.82 -1.81
N LYS A 189 -5.87 -2.83 -1.37
CA LYS A 189 -7.01 -2.31 -2.15
C LYS A 189 -6.91 -0.78 -2.23
N TRP A 190 -6.51 -0.12 -1.14
CA TRP A 190 -6.35 1.34 -1.13
C TRP A 190 -5.15 1.70 -2.01
N ALA A 191 -4.05 0.95 -1.92
CA ALA A 191 -2.85 1.17 -2.78
C ALA A 191 -3.27 1.03 -4.26
N GLY A 192 -4.11 0.05 -4.56
CA GLY A 192 -4.65 -0.16 -5.90
C GLY A 192 -5.36 1.08 -6.43
N GLU A 193 -6.28 1.57 -5.64
CA GLU A 193 -7.03 2.82 -5.96
C GLU A 193 -6.07 3.97 -6.25
N LEU A 194 -5.12 4.21 -5.39
CA LEU A 194 -4.12 5.31 -5.59
C LEU A 194 -3.35 5.08 -6.90
N MET A 195 -2.92 3.85 -7.18
CA MET A 195 -2.14 3.53 -8.39
C MET A 195 -3.04 3.80 -9.60
N CYS A 196 -4.32 3.40 -9.56
CA CYS A 196 -5.26 3.69 -10.66
C CYS A 196 -5.33 5.21 -10.90
N MET A 197 -5.47 6.00 -9.83
CA MET A 197 -5.60 7.48 -9.98
C MET A 197 -4.28 8.07 -10.51
N ASN A 198 -3.13 7.57 -10.06
CA ASN A 198 -1.82 8.10 -10.56
C ASN A 198 -1.62 7.73 -12.05
N SER A 199 -2.01 6.53 -12.48
CA SER A 199 -2.00 6.12 -13.91
C SER A 199 -2.87 7.07 -14.75
N ALA A 200 -4.12 7.31 -14.31
CA ALA A 200 -5.07 8.24 -14.97
C ALA A 200 -4.42 9.62 -15.11
N GLU A 201 -3.75 10.10 -14.06
CA GLU A 201 -3.19 11.47 -14.06
C GLU A 201 -2.03 11.52 -15.06
N MET A 202 -1.15 10.52 -15.04
CA MET A 202 0.12 10.55 -15.80
C MET A 202 -0.11 10.16 -17.27
N PHE A 203 -1.03 9.26 -17.55
CA PHE A 203 -1.14 8.59 -18.88
C PHE A 203 -2.53 8.68 -19.49
N GLY A 204 -3.51 9.24 -18.78
CA GLY A 204 -4.88 9.39 -19.33
C GLY A 204 -5.58 8.04 -19.41
N THR A 205 -5.16 7.05 -18.60
CA THR A 205 -5.84 5.74 -18.56
C THR A 205 -7.26 5.97 -18.02
N GLU A 206 -8.20 5.14 -18.47
CA GLU A 206 -9.64 5.25 -18.18
C GLU A 206 -10.05 4.08 -17.30
N THR A 207 -10.29 4.37 -16.01
CA THR A 207 -10.57 3.35 -15.00
C THR A 207 -11.75 3.75 -14.13
N VAL A 208 -12.61 2.78 -13.87
CA VAL A 208 -13.68 2.87 -12.85
C VAL A 208 -13.25 1.94 -11.73
N ARG A 209 -13.27 2.45 -10.51
CA ARG A 209 -13.02 1.64 -9.31
C ARG A 209 -14.37 1.25 -8.73
N VAL A 210 -14.46 0.03 -8.20
CA VAL A 210 -15.65 -0.46 -7.46
C VAL A 210 -15.17 -0.93 -6.08
N ARG A 211 -16.00 -0.72 -5.08
CA ARG A 211 -15.77 -1.20 -3.70
C ARG A 211 -16.92 -2.15 -3.41
N PRO A 212 -16.74 -3.46 -3.69
CA PRO A 212 -17.69 -4.49 -3.31
C PRO A 212 -17.72 -4.54 -1.78
N VAL A 213 -18.70 -5.23 -1.25
CA VAL A 213 -19.07 -5.01 0.17
C VAL A 213 -19.06 -6.35 0.87
N ASN A 214 -20.17 -7.11 0.84
CA ASN A 214 -20.30 -8.44 1.49
C ASN A 214 -21.15 -9.31 0.56
N CYS A 215 -20.51 -9.84 -0.47
CA CYS A 215 -21.19 -10.57 -1.57
C CYS A 215 -21.31 -12.04 -1.17
N TYR A 216 -22.41 -12.68 -1.50
CA TYR A 216 -22.63 -14.09 -1.20
C TYR A 216 -23.51 -14.70 -2.29
N GLY A 217 -23.52 -16.01 -2.36
CA GLY A 217 -24.45 -16.71 -3.28
C GLY A 217 -23.78 -17.84 -4.03
N PRO A 218 -24.38 -18.28 -5.16
CA PRO A 218 -23.83 -19.41 -5.90
C PRO A 218 -22.41 -19.19 -6.36
N HIS A 219 -21.65 -20.30 -6.40
CA HIS A 219 -20.23 -20.42 -6.85
C HIS A 219 -19.29 -19.94 -5.76
N GLU A 220 -19.77 -19.67 -4.55
CA GLU A 220 -18.85 -19.37 -3.43
C GLU A 220 -18.74 -20.65 -2.64
N LYS A 221 -17.58 -21.29 -2.72
CA LYS A 221 -17.27 -22.54 -1.99
C LYS A 221 -16.98 -22.18 -0.54
N TYR A 222 -17.19 -23.13 0.37
CA TYR A 222 -16.76 -22.99 1.77
C TYR A 222 -15.24 -23.14 1.84
N SER A 223 -14.62 -22.30 2.64
CA SER A 223 -13.33 -22.58 3.31
C SER A 223 -13.32 -21.82 4.63
N PRO A 224 -12.37 -22.12 5.54
CA PRO A 224 -12.29 -21.40 6.81
C PRO A 224 -11.85 -19.94 6.63
N TYR A 225 -11.40 -19.55 5.44
CA TYR A 225 -10.93 -18.18 5.17
C TYR A 225 -11.96 -17.36 4.40
N LYS A 226 -13.14 -17.93 4.16
CA LYS A 226 -14.27 -17.26 3.47
C LYS A 226 -15.01 -16.41 4.53
N GLY A 227 -15.98 -15.62 4.07
CA GLY A 227 -16.75 -14.72 4.93
C GLY A 227 -17.85 -15.48 5.66
N PHE A 228 -18.53 -14.76 6.52
CA PHE A 228 -19.50 -15.33 7.40
C PHE A 228 -20.63 -16.13 6.80
N ILE A 229 -21.13 -15.70 5.64
CA ILE A 229 -22.36 -16.36 5.10
C ILE A 229 -22.01 -17.79 4.71
N PRO A 230 -21.01 -18.06 3.84
CA PRO A 230 -20.71 -19.44 3.48
C PRO A 230 -20.21 -20.27 4.68
N ILE A 231 -19.52 -19.65 5.62
CA ILE A 231 -19.15 -20.36 6.89
C ILE A 231 -20.42 -20.84 7.60
N PHE A 232 -21.36 -19.94 7.85
CA PHE A 232 -22.61 -20.27 8.58
C PHE A 232 -23.37 -21.35 7.82
N ILE A 233 -23.49 -21.19 6.52
CA ILE A 233 -24.33 -22.17 5.75
C ILE A 233 -23.66 -23.55 5.78
N TYR A 234 -22.38 -23.61 5.46
CA TYR A 234 -21.66 -24.90 5.37
C TYR A 234 -21.74 -25.58 6.73
N HIS A 235 -21.48 -24.83 7.80
CA HIS A 235 -21.50 -25.41 9.18
C HIS A 235 -22.92 -25.86 9.52
N ALA A 236 -23.94 -25.03 9.27
CA ALA A 236 -25.35 -25.37 9.58
C ALA A 236 -25.76 -26.63 8.79
N LEU A 237 -25.38 -26.70 7.52
CA LEU A 237 -25.65 -27.89 6.65
C LEU A 237 -25.01 -29.15 7.21
N HIS A 238 -23.88 -29.04 7.90
CA HIS A 238 -23.15 -30.21 8.46
C HIS A 238 -23.38 -30.36 9.98
N ARG A 239 -24.29 -29.57 10.58
CA ARG A 239 -24.54 -29.50 12.05
C ARG A 239 -23.22 -29.33 12.81
N LYS A 240 -22.30 -28.53 12.28
CA LYS A 240 -20.99 -28.26 12.90
C LYS A 240 -21.06 -26.93 13.63
N PRO A 241 -20.47 -26.82 14.84
CA PRO A 241 -20.49 -25.59 15.61
C PRO A 241 -19.85 -24.43 14.85
N TYR A 242 -20.38 -23.23 15.05
CA TYR A 242 -19.78 -21.98 14.53
C TYR A 242 -20.02 -20.86 15.53
N THR A 243 -19.20 -19.83 15.41
CA THR A 243 -19.23 -18.63 16.29
C THR A 243 -19.94 -17.48 15.62
N VAL A 244 -20.78 -16.79 16.39
CA VAL A 244 -21.39 -15.47 16.06
C VAL A 244 -20.78 -14.40 16.97
N TYR A 245 -20.06 -13.44 16.40
CA TYR A 245 -19.63 -12.20 17.08
C TYR A 245 -20.75 -11.15 16.95
N LYS A 246 -21.43 -10.86 18.06
CA LYS A 246 -22.77 -10.21 18.05
C LYS A 246 -22.64 -8.74 17.64
N GLY A 247 -21.58 -8.07 18.12
CA GLY A 247 -21.48 -6.61 18.11
C GLY A 247 -21.08 -6.05 16.76
N HIS A 248 -21.65 -6.54 15.66
CA HIS A 248 -21.28 -5.99 14.34
C HIS A 248 -22.54 -5.96 13.48
N LYS A 249 -22.50 -5.17 12.41
CA LYS A 249 -23.61 -5.14 11.42
C LYS A 249 -22.98 -5.22 10.03
N ARG A 250 -23.67 -5.80 9.07
CA ARG A 250 -23.22 -5.81 7.67
C ARG A 250 -24.48 -5.67 6.80
N ILE A 251 -24.27 -5.17 5.59
CA ILE A 251 -25.23 -5.31 4.46
C ILE A 251 -24.71 -6.38 3.49
N ILE A 252 -25.43 -7.48 3.32
CA ILE A 252 -25.02 -8.57 2.39
C ILE A 252 -25.73 -8.40 1.05
N ASP A 253 -24.99 -8.62 -0.04
CA ASP A 253 -25.45 -8.45 -1.43
C ASP A 253 -25.38 -9.80 -2.15
N TYR A 254 -26.49 -10.18 -2.75
CA TYR A 254 -26.60 -11.42 -3.56
C TYR A 254 -25.88 -11.18 -4.86
N VAL A 255 -25.06 -12.16 -5.22
CA VAL A 255 -24.03 -12.00 -6.28
C VAL A 255 -24.72 -11.72 -7.62
N GLU A 256 -25.89 -12.31 -7.86
N GLU A 256 -25.90 -12.29 -7.88
CA GLU A 256 -26.67 -12.15 -9.11
CA GLU A 256 -26.56 -12.11 -9.19
C GLU A 256 -27.03 -10.67 -9.31
C GLU A 256 -27.02 -10.66 -9.32
N ASP A 257 -27.35 -9.98 -8.21
CA ASP A 257 -27.63 -8.52 -8.21
C ASP A 257 -26.34 -7.76 -8.49
N SER A 258 -25.32 -7.98 -7.68
CA SER A 258 -24.06 -7.20 -7.80
C SER A 258 -23.45 -7.31 -9.21
N VAL A 259 -23.43 -8.49 -9.83
CA VAL A 259 -22.75 -8.63 -11.17
C VAL A 259 -23.58 -7.95 -12.25
N ARG A 260 -24.90 -7.84 -12.06
CA ARG A 260 -25.80 -7.00 -12.93
C ARG A 260 -25.26 -5.57 -12.87
N THR A 261 -25.05 -5.04 -11.68
CA THR A 261 -24.50 -3.68 -11.53
C THR A 261 -23.10 -3.63 -12.12
N PHE A 262 -22.19 -4.57 -11.79
CA PHE A 262 -20.81 -4.56 -12.36
C PHE A 262 -20.89 -4.55 -13.90
N ALA A 263 -21.77 -5.35 -14.48
CA ALA A 263 -21.92 -5.42 -15.96
C ALA A 263 -22.46 -4.12 -16.53
N ASN A 264 -23.31 -3.40 -15.79
CA ASN A 264 -23.88 -2.09 -16.18
C ASN A 264 -22.79 -1.03 -16.37
N ILE A 265 -21.59 -1.20 -15.78
CA ILE A 265 -20.52 -0.19 -15.95
C ILE A 265 -20.15 -0.08 -17.45
N VAL A 266 -20.18 -1.17 -18.20
CA VAL A 266 -19.89 -1.12 -19.67
C VAL A 266 -20.87 -0.12 -20.34
N ASP A 267 -22.12 -0.02 -19.86
CA ASP A 267 -23.19 0.77 -20.55
C ASP A 267 -23.06 2.24 -20.16
N ASN A 268 -22.38 2.57 -19.07
CA ASN A 268 -22.20 3.98 -18.67
C ASN A 268 -20.87 4.11 -17.92
N PHE A 269 -19.77 4.10 -18.66
CA PHE A 269 -18.40 4.06 -18.11
C PHE A 269 -17.94 5.49 -17.97
N ILE A 270 -17.70 5.94 -16.73
CA ILE A 270 -17.21 7.31 -16.47
C ILE A 270 -15.79 7.25 -15.93
N PRO A 271 -14.79 7.54 -16.77
CA PRO A 271 -13.39 7.50 -16.34
C PRO A 271 -13.20 8.31 -15.06
N GLY A 272 -12.48 7.74 -14.09
CA GLY A 272 -12.10 8.40 -12.84
C GLY A 272 -13.08 8.09 -11.72
N GLU A 273 -14.24 7.49 -12.01
CA GLU A 273 -15.29 7.35 -10.98
C GLU A 273 -15.00 6.16 -10.05
N VAL A 274 -15.67 6.16 -8.90
CA VAL A 274 -15.60 5.06 -7.90
C VAL A 274 -16.98 4.84 -7.32
N TYR A 275 -17.38 3.59 -7.17
CA TYR A 275 -18.71 3.16 -6.72
C TYR A 275 -18.62 2.09 -5.64
N ASN A 276 -19.41 2.33 -4.59
CA ASN A 276 -19.71 1.22 -3.67
C ASN A 276 -20.75 0.41 -4.45
N VAL A 277 -20.62 -0.91 -4.51
CA VAL A 277 -21.58 -1.84 -5.12
C VAL A 277 -21.89 -2.89 -4.09
N GLY A 278 -23.14 -2.95 -3.66
CA GLY A 278 -23.58 -3.90 -2.64
C GLY A 278 -25.08 -4.05 -2.67
N GLY A 279 -25.70 -4.27 -1.54
CA GLY A 279 -27.17 -4.44 -1.53
C GLY A 279 -27.86 -3.09 -1.45
N ARG A 280 -28.56 -2.86 -0.36
CA ARG A 280 -29.34 -1.62 -0.11
C ARG A 280 -29.02 -1.20 1.33
N THR A 281 -28.96 0.10 1.58
CA THR A 281 -28.65 0.67 2.93
C THR A 281 -29.63 0.09 3.95
N GLU A 282 -30.90 -0.09 3.56
CA GLU A 282 -31.94 -0.60 4.49
C GLU A 282 -31.83 -2.12 4.71
N TRP A 283 -30.91 -2.85 4.09
CA TRP A 283 -30.75 -4.30 4.33
C TRP A 283 -29.72 -4.57 5.46
N GLU A 284 -29.29 -3.57 6.19
CA GLU A 284 -28.30 -3.72 7.29
C GLU A 284 -28.92 -4.58 8.40
N HIS A 285 -28.17 -5.60 8.85
CA HIS A 285 -28.56 -6.50 9.95
C HIS A 285 -27.36 -6.71 10.87
N ASP A 286 -27.61 -7.07 12.11
CA ASP A 286 -26.53 -7.59 12.99
C ASP A 286 -26.27 -9.05 12.66
N ILE A 287 -25.14 -9.57 13.12
CA ILE A 287 -24.63 -10.91 12.72
C ILE A 287 -25.60 -12.01 13.21
N LYS A 288 -26.15 -11.90 14.42
CA LYS A 288 -27.11 -12.94 14.92
C LYS A 288 -28.34 -12.98 13.99
N GLU A 289 -28.82 -11.82 13.52
CA GLU A 289 -29.96 -11.80 12.56
C GLU A 289 -29.62 -12.66 11.34
N TYR A 290 -28.43 -12.52 10.78
CA TYR A 290 -28.01 -13.33 9.60
C TYR A 290 -27.88 -14.81 9.96
N SER A 291 -27.27 -15.13 11.11
CA SER A 291 -27.17 -16.51 11.62
C SER A 291 -28.56 -17.15 11.68
N ASP A 292 -29.51 -16.44 12.30
CA ASP A 292 -30.92 -16.90 12.49
C ASP A 292 -31.57 -17.15 11.13
N MET A 293 -31.27 -16.34 10.12
CA MET A 293 -31.81 -16.58 8.75
C MET A 293 -31.21 -17.86 8.17
N VAL A 294 -29.91 -18.10 8.33
CA VAL A 294 -29.23 -19.34 7.85
C VAL A 294 -29.88 -20.54 8.56
N LEU A 295 -29.95 -20.52 9.88
CA LEU A 295 -30.51 -21.65 10.68
C LEU A 295 -31.96 -21.92 10.24
N GLU A 296 -32.76 -20.89 10.04
CA GLU A 296 -34.17 -21.03 9.65
C GLU A 296 -34.25 -21.69 8.26
N ALA A 297 -33.39 -21.30 7.29
CA ALA A 297 -33.40 -21.88 5.93
C ALA A 297 -32.90 -23.34 5.96
N VAL A 298 -32.04 -23.69 6.90
CA VAL A 298 -31.52 -25.09 7.00
C VAL A 298 -32.56 -25.94 7.75
N GLY A 299 -33.26 -25.32 8.69
CA GLY A 299 -34.32 -26.00 9.45
C GLY A 299 -33.83 -26.50 10.80
N ILE A 300 -32.89 -25.80 11.45
CA ILE A 300 -32.40 -26.20 12.80
C ILE A 300 -32.41 -24.98 13.72
N ASP A 301 -32.21 -25.19 15.02
CA ASP A 301 -32.13 -24.09 15.99
C ASP A 301 -30.65 -23.74 16.16
N ASP A 302 -30.33 -22.87 17.11
CA ASP A 302 -28.98 -22.25 17.23
C ASP A 302 -28.15 -22.95 18.32
N SER A 303 -28.49 -24.20 18.68
CA SER A 303 -27.72 -24.97 19.70
C SER A 303 -26.26 -25.16 19.25
N ILE A 304 -26.00 -25.16 17.94
CA ILE A 304 -24.61 -25.31 17.39
C ILE A 304 -23.85 -23.98 17.50
N VAL A 305 -24.50 -22.87 17.86
CA VAL A 305 -23.89 -21.51 17.80
C VAL A 305 -23.27 -21.20 19.17
N THR A 306 -22.05 -20.66 19.16
CA THR A 306 -21.38 -20.04 20.33
C THR A 306 -21.40 -18.53 20.10
N TYR A 307 -22.02 -17.79 21.02
CA TYR A 307 -22.12 -16.32 20.93
C TYR A 307 -20.91 -15.69 21.61
N ARG A 308 -20.19 -14.79 20.94
CA ARG A 308 -19.13 -13.93 21.55
C ARG A 308 -19.55 -12.46 21.32
N GLU A 309 -18.98 -11.53 22.07
CA GLU A 309 -19.43 -10.11 22.09
C GLU A 309 -18.99 -9.41 20.80
N SER A 310 -17.71 -9.46 20.45
CA SER A 310 -17.21 -8.81 19.21
C SER A 310 -15.87 -9.42 18.77
N GLU A 311 -15.61 -9.41 17.46
CA GLU A 311 -14.37 -9.96 16.90
C GLU A 311 -13.31 -8.87 16.98
N PRO A 312 -12.15 -9.13 17.61
CA PRO A 312 -11.07 -8.14 17.65
C PRO A 312 -10.61 -7.77 16.23
N PHE A 313 -10.14 -6.53 16.08
CA PHE A 313 -9.46 -5.98 14.89
C PHE A 313 -10.39 -6.09 13.68
N THR A 314 -11.70 -6.09 13.91
CA THR A 314 -12.74 -6.25 12.86
C THR A 314 -13.61 -5.00 12.81
N THR A 315 -13.93 -4.53 11.61
CA THR A 315 -14.83 -3.38 11.43
C THR A 315 -16.16 -3.67 12.15
N LYS A 316 -16.68 -2.72 12.93
CA LYS A 316 -17.96 -2.84 13.66
C LYS A 316 -19.13 -2.82 12.68
N VAL A 317 -19.23 -1.77 11.87
CA VAL A 317 -20.44 -1.53 11.01
C VAL A 317 -19.95 -1.04 9.66
N LYS A 318 -20.65 -1.44 8.59
CA LYS A 318 -20.34 -1.01 7.22
C LYS A 318 -21.63 -0.43 6.64
N THR A 319 -22.02 0.75 7.14
CA THR A 319 -23.29 1.39 6.76
C THR A 319 -23.08 2.09 5.41
N MET A 320 -23.40 1.40 4.32
CA MET A 320 -22.99 1.86 2.96
C MET A 320 -24.03 2.86 2.41
N ASP A 321 -23.55 3.76 1.58
CA ASP A 321 -24.30 4.65 0.67
C ASP A 321 -24.10 4.12 -0.77
N PHE A 322 -25.18 3.73 -1.43
CA PHE A 322 -25.18 3.17 -2.80
C PHE A 322 -25.77 4.15 -3.79
N SER A 323 -25.85 5.43 -3.42
CA SER A 323 -26.61 6.45 -4.16
C SER A 323 -25.91 6.69 -5.49
N LYS A 324 -24.58 6.66 -5.52
CA LYS A 324 -23.84 6.88 -6.79
C LYS A 324 -24.11 5.71 -7.78
N ALA A 325 -24.15 4.46 -7.30
CA ALA A 325 -24.40 3.29 -8.18
C ALA A 325 -25.85 3.37 -8.67
N ILE A 326 -26.77 3.76 -7.79
CA ILE A 326 -28.21 3.94 -8.16
C ILE A 326 -28.28 4.98 -9.29
N ARG A 327 -27.49 6.02 -9.21
CA ARG A 327 -27.54 7.15 -10.17
C ARG A 327 -26.97 6.72 -11.53
N ASP A 328 -25.75 6.16 -11.54
CA ASP A 328 -24.96 5.98 -12.79
C ASP A 328 -25.12 4.57 -13.35
N LEU A 329 -25.41 3.56 -12.53
CA LEU A 329 -25.21 2.15 -12.92
C LEU A 329 -26.52 1.39 -12.86
N LYS A 330 -27.65 2.09 -12.72
CA LYS A 330 -28.98 1.47 -12.66
C LYS A 330 -28.98 0.43 -11.55
N HIS A 331 -28.24 0.69 -10.47
CA HIS A 331 -28.22 -0.26 -9.35
C HIS A 331 -29.62 -0.45 -8.81
N ASP A 332 -30.10 -1.68 -8.76
CA ASP A 332 -31.49 -1.97 -8.34
C ASP A 332 -31.58 -3.43 -7.93
N PRO A 333 -30.98 -3.79 -6.78
CA PRO A 333 -30.93 -5.17 -6.35
C PRO A 333 -32.32 -5.70 -5.99
N GLN A 334 -32.63 -6.92 -6.40
CA GLN A 334 -33.94 -7.58 -6.26
C GLN A 334 -33.92 -8.61 -5.14
N VAL A 335 -32.76 -9.09 -4.68
CA VAL A 335 -32.72 -10.31 -3.83
C VAL A 335 -32.22 -9.91 -2.44
N PRO A 336 -33.10 -9.72 -1.44
CA PRO A 336 -32.69 -9.31 -0.10
C PRO A 336 -32.15 -10.52 0.64
N PRO A 337 -31.57 -10.32 1.85
CA PRO A 337 -30.90 -11.37 2.59
C PRO A 337 -31.72 -12.65 2.77
N GLU A 338 -32.98 -12.50 3.16
CA GLU A 338 -33.83 -13.68 3.53
C GLU A 338 -33.93 -14.59 2.30
N GLU A 339 -34.24 -14.05 1.12
CA GLU A 339 -34.43 -14.83 -0.13
C GLU A 339 -33.05 -15.31 -0.60
N GLY A 340 -32.05 -14.42 -0.56
CA GLY A 340 -30.69 -14.76 -0.99
C GLY A 340 -30.13 -15.91 -0.19
N ILE A 341 -30.27 -15.89 1.13
CA ILE A 341 -29.76 -16.98 1.98
C ILE A 341 -30.48 -18.29 1.62
N ARG A 342 -31.78 -18.25 1.37
CA ARG A 342 -32.53 -19.49 0.98
C ARG A 342 -31.90 -20.05 -0.31
N ARG A 343 -31.63 -19.20 -1.30
CA ARG A 343 -31.08 -19.66 -2.58
C ARG A 343 -29.66 -20.21 -2.39
N THR A 344 -28.89 -19.62 -1.47
CA THR A 344 -27.47 -20.00 -1.27
C THR A 344 -27.43 -21.35 -0.55
N VAL A 345 -28.25 -21.54 0.46
CA VAL A 345 -28.42 -22.87 1.12
C VAL A 345 -28.74 -23.92 0.04
N GLU A 346 -29.68 -23.64 -0.86
CA GLU A 346 -30.08 -24.58 -1.93
C GLU A 346 -28.85 -24.87 -2.80
N TRP A 347 -28.08 -23.83 -3.19
CA TRP A 347 -26.95 -24.03 -4.10
C TRP A 347 -25.88 -24.88 -3.40
N MET A 348 -25.58 -24.62 -2.13
CA MET A 348 -24.50 -25.39 -1.45
C MET A 348 -24.91 -26.86 -1.32
N LYS A 349 -26.16 -27.17 -0.98
CA LYS A 349 -26.70 -28.55 -0.97
C LYS A 349 -26.45 -29.25 -2.31
N TRP A 350 -26.72 -28.57 -3.42
CA TRP A 350 -26.48 -29.14 -4.78
C TRP A 350 -24.98 -29.37 -4.96
N TYR A 351 -24.19 -28.33 -4.71
CA TYR A 351 -22.74 -28.33 -5.00
C TYR A 351 -22.04 -29.48 -4.22
N TYR A 352 -22.32 -29.60 -2.92
CA TYR A 352 -21.66 -30.55 -2.00
C TYR A 352 -22.46 -31.85 -1.98
N ARG A 353 -23.39 -32.03 -2.92
CA ARG A 353 -24.06 -33.34 -3.19
C ARG A 353 -24.69 -33.78 -1.86
N ILE A 354 -25.38 -32.88 -1.16
CA ILE A 354 -26.12 -33.18 0.11
C ILE A 354 -27.58 -33.46 -0.25
N GLU B 45 23.74 2.32 28.92
CA GLU B 45 23.85 0.93 28.38
C GLU B 45 24.12 0.99 26.86
N THR B 46 25.22 0.39 26.40
CA THR B 46 25.48 0.14 24.96
C THR B 46 24.45 -0.90 24.49
N GLN B 47 23.87 -0.68 23.32
CA GLN B 47 22.80 -1.53 22.76
C GLN B 47 23.39 -2.41 21.65
N ARG B 48 22.71 -3.51 21.36
CA ARG B 48 22.98 -4.34 20.15
C ARG B 48 21.95 -3.92 19.09
N ILE B 49 22.42 -3.42 17.96
CA ILE B 49 21.57 -2.76 16.94
C ILE B 49 21.83 -3.42 15.58
N LEU B 50 20.73 -3.68 14.84
CA LEU B 50 20.74 -4.10 13.43
C LEU B 50 20.39 -2.89 12.57
N VAL B 51 21.16 -2.63 11.50
CA VAL B 51 20.77 -1.63 10.48
C VAL B 51 20.60 -2.36 9.15
N THR B 52 19.35 -2.54 8.68
CA THR B 52 19.11 -3.04 7.31
C THR B 52 19.33 -1.85 6.38
N GLY B 53 19.70 -2.13 5.13
CA GLY B 53 20.11 -1.08 4.17
C GLY B 53 21.38 -0.42 4.66
N GLY B 54 22.15 -1.12 5.49
CA GLY B 54 23.32 -0.58 6.19
C GLY B 54 24.51 -0.33 5.29
N ALA B 55 24.47 -0.71 4.02
CA ALA B 55 25.57 -0.34 3.06
C ALA B 55 25.14 0.83 2.17
N GLY B 56 23.91 1.34 2.33
CA GLY B 56 23.45 2.51 1.55
C GLY B 56 24.01 3.82 2.09
N PHE B 57 23.49 4.90 1.57
CA PHE B 57 23.92 6.30 1.90
C PHE B 57 23.66 6.64 3.37
N ILE B 58 22.39 6.71 3.78
CA ILE B 58 22.08 7.03 5.19
C ILE B 58 22.59 5.90 6.12
N GLY B 59 22.38 4.66 5.67
CA GLY B 59 22.77 3.44 6.39
C GLY B 59 24.24 3.46 6.80
N THR B 60 25.13 3.77 5.86
CA THR B 60 26.59 3.75 6.13
C THR B 60 26.90 4.79 7.22
N ASN B 61 26.37 5.99 7.07
CA ASN B 61 26.53 7.13 8.03
C ASN B 61 25.93 6.76 9.39
N LEU B 62 24.79 6.10 9.40
CA LEU B 62 24.09 5.78 10.68
C LEU B 62 24.86 4.71 11.44
N VAL B 63 25.28 3.65 10.73
CA VAL B 63 26.12 2.55 11.30
C VAL B 63 27.35 3.19 11.95
N ASN B 64 28.01 4.10 11.25
CA ASN B 64 29.23 4.77 11.79
C ASN B 64 28.89 5.56 13.07
N GLU B 65 27.82 6.39 13.04
CA GLU B 65 27.39 7.19 14.22
C GLU B 65 27.11 6.26 15.40
N LEU B 66 26.35 5.19 15.17
CA LEU B 66 25.98 4.26 16.24
C LEU B 66 27.23 3.59 16.81
N ARG B 67 28.17 3.17 15.95
CA ARG B 67 29.42 2.49 16.42
C ARG B 67 30.26 3.50 17.21
N ASN B 68 30.37 4.73 16.74
CA ASN B 68 31.08 5.83 17.45
C ASN B 68 30.46 6.05 18.84
N ARG B 69 29.19 5.75 19.07
CA ARG B 69 28.60 5.95 20.41
C ARG B 69 28.86 4.70 21.26
N GLY B 70 29.51 3.69 20.71
CA GLY B 70 29.87 2.47 21.46
C GLY B 70 28.78 1.40 21.38
N HIS B 71 27.76 1.56 20.55
CA HIS B 71 26.80 0.45 20.27
C HIS B 71 27.49 -0.70 19.51
N GLU B 72 27.07 -1.93 19.70
CA GLU B 72 27.39 -3.06 18.80
C GLU B 72 26.40 -3.06 17.64
N VAL B 73 26.90 -2.91 16.42
CA VAL B 73 26.03 -2.74 15.21
C VAL B 73 26.39 -3.78 14.16
N LEU B 74 25.39 -4.56 13.73
CA LEU B 74 25.43 -5.39 12.50
C LEU B 74 24.73 -4.64 11.36
N ALA B 75 25.46 -4.42 10.26
CA ALA B 75 24.92 -3.84 9.00
C ALA B 75 24.50 -5.00 8.09
N VAL B 76 23.35 -4.85 7.43
CA VAL B 76 22.81 -5.88 6.53
C VAL B 76 22.38 -5.16 5.25
N ASP B 77 22.74 -5.72 4.11
CA ASP B 77 22.36 -5.12 2.80
C ASP B 77 22.30 -6.27 1.77
N LEU B 78 22.11 -5.93 0.50
CA LEU B 78 21.62 -6.87 -0.53
C LEU B 78 22.82 -7.55 -1.23
N MET B 79 24.05 -7.05 -1.06
CA MET B 79 25.24 -7.49 -1.80
C MET B 79 26.33 -7.91 -0.81
N HIS B 80 27.26 -8.74 -1.25
CA HIS B 80 28.48 -9.08 -0.48
C HIS B 80 29.40 -7.86 -0.48
N THR B 81 30.16 -7.66 0.60
CA THR B 81 31.09 -6.51 0.67
C THR B 81 32.32 -6.97 1.43
N GLU B 82 33.32 -6.10 1.54
CA GLU B 82 34.55 -6.40 2.32
C GLU B 82 34.35 -5.97 3.77
N ARG B 83 33.20 -5.39 4.14
CA ARG B 83 33.03 -4.69 5.43
C ARG B 83 33.01 -5.72 6.56
N GLU B 84 33.50 -5.28 7.73
CA GLU B 84 33.37 -6.08 8.99
C GLU B 84 32.01 -5.77 9.62
N ASP B 85 31.53 -6.70 10.44
CA ASP B 85 30.25 -6.60 11.15
C ASP B 85 29.17 -6.31 10.09
N TYR B 86 29.22 -7.08 9.02
CA TYR B 86 28.33 -6.93 7.84
C TYR B 86 27.89 -8.33 7.40
N MET B 87 26.62 -8.45 7.00
CA MET B 87 26.06 -9.72 6.48
C MET B 87 25.14 -9.36 5.31
N ARG B 88 25.25 -10.06 4.20
CA ARG B 88 24.24 -10.00 3.12
C ARG B 88 22.95 -10.66 3.61
N ALA B 89 21.84 -9.94 3.50
CA ALA B 89 20.50 -10.53 3.66
C ALA B 89 19.55 -9.78 2.75
N ASP B 90 18.94 -10.48 1.82
CA ASP B 90 17.83 -9.92 0.98
C ASP B 90 16.56 -9.94 1.84
N VAL B 91 16.08 -8.76 2.27
CA VAL B 91 14.92 -8.65 3.21
C VAL B 91 13.64 -9.11 2.52
N ARG B 92 13.62 -9.30 1.19
CA ARG B 92 12.43 -9.91 0.52
CA ARG B 92 12.48 -9.92 0.45
C ARG B 92 12.32 -11.38 0.89
N GLU B 93 13.42 -11.99 1.35
CA GLU B 93 13.51 -13.45 1.56
C GLU B 93 13.43 -13.75 3.06
N TYR B 94 12.29 -14.28 3.49
CA TYR B 94 12.05 -14.45 4.95
C TYR B 94 13.16 -15.29 5.58
N ARG B 95 13.61 -16.34 4.88
CA ARG B 95 14.65 -17.24 5.41
C ARG B 95 15.92 -16.43 5.72
N GLN B 96 16.27 -15.50 4.84
CA GLN B 96 17.50 -14.68 5.00
C GLN B 96 17.27 -13.65 6.11
N VAL B 97 16.05 -13.18 6.31
CA VAL B 97 15.72 -12.25 7.43
C VAL B 97 15.84 -13.03 8.75
N GLU B 98 15.27 -14.21 8.79
CA GLU B 98 15.26 -15.05 10.01
C GLU B 98 16.69 -15.37 10.41
N ARG B 99 17.55 -15.63 9.43
CA ARG B 99 18.96 -15.98 9.67
C ARG B 99 19.66 -14.82 10.37
N ILE B 100 19.30 -13.57 10.11
CA ILE B 100 19.92 -12.39 10.79
C ILE B 100 19.75 -12.57 12.29
N PHE B 101 18.58 -13.03 12.71
CA PHE B 101 18.17 -13.09 14.14
C PHE B 101 18.55 -14.41 14.80
N GLU B 102 19.08 -15.39 14.07
CA GLU B 102 19.36 -16.74 14.64
C GLU B 102 20.67 -16.64 15.42
N GLU B 103 21.61 -15.86 14.90
CA GLU B 103 22.90 -15.63 15.58
C GLU B 103 22.61 -14.83 16.87
N ASP B 104 22.27 -13.53 16.72
CA ASP B 104 22.28 -12.49 17.79
C ASP B 104 20.87 -12.08 18.26
N LYS B 105 20.82 -11.48 19.44
CA LYS B 105 19.67 -10.75 19.99
C LYS B 105 19.90 -9.25 19.74
N PHE B 106 18.92 -8.54 19.23
CA PHE B 106 19.02 -7.08 18.95
C PHE B 106 18.05 -6.35 19.89
N ASP B 107 18.51 -5.27 20.46
CA ASP B 107 17.70 -4.39 21.26
C ASP B 107 16.88 -3.42 20.36
N TYR B 108 17.55 -2.84 19.35
CA TYR B 108 17.00 -1.91 18.34
C TYR B 108 17.32 -2.41 16.93
N VAL B 109 16.37 -2.17 16.02
CA VAL B 109 16.51 -2.45 14.56
C VAL B 109 16.16 -1.17 13.83
N TYR B 110 17.10 -0.60 13.09
CA TYR B 110 16.85 0.50 12.14
C TYR B 110 16.57 -0.14 10.78
N HIS B 111 15.35 0.01 10.31
CA HIS B 111 14.89 -0.63 9.06
C HIS B 111 14.95 0.39 7.92
N LEU B 112 16.07 0.45 7.20
CA LEU B 112 16.22 1.36 6.02
C LEU B 112 16.15 0.60 4.70
N ALA B 113 16.27 -0.73 4.69
CA ALA B 113 16.36 -1.51 3.43
C ALA B 113 15.20 -1.09 2.54
N ALA B 114 15.48 -0.61 1.35
CA ALA B 114 14.44 -0.11 0.46
C ALA B 114 14.97 0.13 -0.94
N GLU B 115 14.05 0.10 -1.90
CA GLU B 115 14.20 0.74 -3.23
C GLU B 115 13.87 2.21 -3.02
N TYR B 116 14.86 3.08 -3.17
CA TYR B 116 14.75 4.52 -2.91
C TYR B 116 14.52 5.29 -4.21
N GLY B 117 13.59 6.22 -4.18
CA GLY B 117 13.40 7.24 -5.23
C GLY B 117 12.11 7.04 -5.96
N ARG B 118 11.44 8.13 -6.27
CA ARG B 118 10.12 8.05 -6.91
C ARG B 118 10.27 7.48 -8.33
N TRP B 119 11.25 7.93 -9.13
CA TRP B 119 11.39 7.44 -10.53
C TRP B 119 11.98 6.01 -10.53
N ASN B 120 12.92 5.71 -9.63
CA ASN B 120 13.38 4.32 -9.45
C ASN B 120 12.17 3.40 -9.23
N GLY B 121 11.24 3.82 -8.37
CA GLY B 121 10.08 3.02 -7.98
C GLY B 121 9.22 2.72 -9.18
N GLU B 122 9.00 3.70 -10.04
CA GLU B 122 8.18 3.50 -11.26
C GLU B 122 8.89 2.54 -12.23
N ASP B 123 10.20 2.70 -12.41
CA ASP B 123 10.98 1.93 -13.41
C ASP B 123 11.30 0.50 -12.90
N TYR B 124 11.38 0.29 -11.60
CA TYR B 124 11.75 -0.98 -10.96
C TYR B 124 10.71 -1.38 -9.87
N TYR B 125 9.46 -1.40 -10.28
CA TYR B 125 8.35 -1.51 -9.30
C TYR B 125 8.25 -2.89 -8.68
N GLU B 126 8.67 -3.95 -9.39
CA GLU B 126 8.65 -5.31 -8.85
C GLU B 126 9.54 -5.32 -7.60
N ASN B 127 10.74 -4.80 -7.74
CA ASN B 127 11.75 -4.78 -6.66
C ASN B 127 11.21 -3.91 -5.54
N LEU B 128 10.65 -2.75 -5.94
CA LEU B 128 10.05 -1.76 -4.98
C LEU B 128 9.06 -2.44 -4.02
N TRP B 129 8.00 -3.06 -4.53
CA TRP B 129 6.91 -3.61 -3.69
C TRP B 129 7.41 -4.78 -2.86
N LYS B 130 8.22 -5.66 -3.45
CA LYS B 130 8.73 -6.87 -2.76
C LYS B 130 9.66 -6.42 -1.64
N THR B 131 10.58 -5.52 -1.90
CA THR B 131 11.52 -5.04 -0.83
C THR B 131 10.80 -4.13 0.19
N ASN B 132 10.17 -3.04 -0.25
CA ASN B 132 9.68 -1.96 0.67
C ASN B 132 8.50 -2.49 1.50
N VAL B 133 7.65 -3.35 0.94
CA VAL B 133 6.44 -3.79 1.68
C VAL B 133 6.60 -5.20 2.21
N ILE B 134 6.85 -6.20 1.34
CA ILE B 134 6.98 -7.60 1.82
C ILE B 134 8.16 -7.67 2.80
N GLY B 135 9.26 -7.04 2.49
CA GLY B 135 10.42 -7.01 3.40
C GLY B 135 10.05 -6.43 4.74
N THR B 136 9.30 -5.31 4.76
CA THR B 136 8.85 -4.67 6.00
C THR B 136 7.92 -5.62 6.75
N LYS B 137 7.02 -6.31 6.05
CA LYS B 137 6.16 -7.28 6.74
C LYS B 137 6.97 -8.42 7.34
N HIS B 138 8.02 -8.92 6.68
CA HIS B 138 8.91 -9.93 7.29
C HIS B 138 9.54 -9.36 8.57
N MET B 139 10.04 -8.13 8.52
CA MET B 139 10.64 -7.46 9.72
C MET B 139 9.60 -7.36 10.85
N LEU B 140 8.35 -7.01 10.54
CA LEU B 140 7.25 -6.90 11.54
C LEU B 140 6.93 -8.28 12.11
N ARG B 141 6.93 -9.32 11.28
CA ARG B 141 6.69 -10.71 11.80
C ARG B 141 7.84 -11.10 12.74
N MET B 142 9.05 -10.67 12.45
CA MET B 142 10.16 -10.94 13.32
C MET B 142 10.00 -10.18 14.64
N GLN B 143 9.63 -8.92 14.55
CA GLN B 143 9.39 -8.03 15.70
C GLN B 143 8.30 -8.63 16.59
N GLU B 144 7.22 -9.12 16.02
CA GLU B 144 6.13 -9.78 16.78
C GLU B 144 6.66 -11.01 17.53
N LYS B 145 7.59 -11.77 16.94
CA LYS B 145 8.14 -13.00 17.58
C LYS B 145 9.17 -12.60 18.65
N LEU B 146 10.04 -11.62 18.37
CA LEU B 146 11.28 -11.38 19.16
C LEU B 146 11.16 -10.16 20.10
N GLY B 147 10.34 -9.16 19.80
CA GLY B 147 10.04 -8.01 20.70
C GLY B 147 11.13 -6.94 20.70
N PHE B 148 11.99 -6.89 19.68
CA PHE B 148 12.91 -5.74 19.54
C PHE B 148 12.12 -4.46 19.24
N ARG B 149 12.78 -3.33 19.43
CA ARG B 149 12.26 -2.00 19.10
C ARG B 149 12.76 -1.65 17.71
N MET B 150 11.88 -1.09 16.88
CA MET B 150 12.23 -0.81 15.47
C MET B 150 12.05 0.68 15.18
N ILE B 151 12.95 1.21 14.35
CA ILE B 151 12.81 2.53 13.72
C ILE B 151 12.54 2.27 12.24
N PHE B 152 11.32 2.59 11.80
CA PHE B 152 10.85 2.32 10.41
C PHE B 152 11.15 3.58 9.59
N PHE B 153 11.82 3.43 8.47
CA PHE B 153 12.12 4.57 7.59
C PHE B 153 11.00 4.71 6.54
N SER B 154 10.18 5.73 6.75
CA SER B 154 9.14 6.19 5.81
C SER B 154 9.74 7.28 4.91
N SER B 155 8.99 8.32 4.59
CA SER B 155 9.40 9.40 3.67
C SER B 155 8.41 10.57 3.78
N ALA B 156 8.91 11.80 3.61
CA ALA B 156 8.03 12.98 3.49
C ALA B 156 7.19 12.86 2.20
N GLU B 157 7.48 11.91 1.31
CA GLU B 157 6.63 11.64 0.10
C GLU B 157 5.21 11.21 0.52
N VAL B 158 5.03 10.77 1.75
CA VAL B 158 3.68 10.31 2.21
C VAL B 158 2.73 11.50 2.31
N TYR B 159 3.22 12.74 2.40
CA TYR B 159 2.38 13.96 2.46
C TYR B 159 1.85 14.33 1.07
N GLY B 160 2.25 13.61 0.03
CA GLY B 160 1.71 13.84 -1.32
C GLY B 160 2.06 15.23 -1.76
N ASP B 161 1.09 15.94 -2.35
CA ASP B 161 1.32 17.32 -2.88
C ASP B 161 0.76 18.37 -1.92
N TYR B 162 0.73 18.09 -0.61
CA TYR B 162 0.13 19.02 0.36
C TYR B 162 0.90 20.36 0.32
N SER B 163 0.17 21.47 0.30
CA SER B 163 0.77 22.81 0.12
C SER B 163 0.95 23.54 1.46
N GLY B 164 0.45 22.99 2.56
CA GLY B 164 0.58 23.59 3.90
C GLY B 164 1.80 23.09 4.68
N LEU B 165 1.91 23.42 5.96
CA LEU B 165 3.00 22.96 6.85
C LEU B 165 2.89 21.45 6.99
N MET B 166 3.91 20.70 6.57
CA MET B 166 3.92 19.23 6.68
C MET B 166 4.33 18.86 8.12
N SER B 167 3.39 19.02 9.03
CA SER B 167 3.45 18.49 10.41
C SER B 167 3.02 17.04 10.36
N GLU B 168 3.54 16.25 11.27
CA GLU B 168 3.24 14.80 11.31
C GLU B 168 1.73 14.58 11.37
N ASP B 169 0.97 15.47 12.03
CA ASP B 169 -0.49 15.26 12.27
C ASP B 169 -1.27 15.53 10.99
N VAL B 170 -0.63 16.03 9.95
CA VAL B 170 -1.31 16.07 8.62
C VAL B 170 -1.70 14.65 8.18
N MET B 171 -0.94 13.60 8.59
CA MET B 171 -1.23 12.19 8.21
C MET B 171 -2.24 11.58 9.20
N VAL B 172 -2.85 12.42 10.01
CA VAL B 172 -3.86 12.02 11.04
C VAL B 172 -5.15 12.82 10.82
N LYS B 173 -5.09 14.16 10.89
N LYS B 173 -5.05 14.15 10.87
CA LYS B 173 -6.32 14.98 11.01
CA LYS B 173 -6.20 15.05 11.02
C LYS B 173 -6.68 15.62 9.66
C LYS B 173 -6.68 15.52 9.65
N ASN B 174 -5.78 15.80 8.73
CA ASN B 174 -6.18 16.34 7.45
C ASN B 174 -7.02 15.42 6.56
N PRO B 175 -7.88 16.03 5.75
CA PRO B 175 -8.64 15.24 4.76
C PRO B 175 -7.66 14.33 4.00
N ILE B 176 -8.09 13.10 3.74
CA ILE B 176 -7.25 12.09 3.04
C ILE B 176 -6.80 12.61 1.66
N SER B 177 -7.64 13.35 0.92
CA SER B 177 -7.30 13.87 -0.44
C SER B 177 -6.13 14.85 -0.34
N ASP B 178 -5.89 15.46 0.80
CA ASP B 178 -4.73 16.40 0.94
C ASP B 178 -3.40 15.71 0.67
N THR B 179 -3.25 14.42 0.99
CA THR B 179 -1.94 13.74 0.98
C THR B 179 -1.92 12.49 0.08
N TYR B 180 -2.88 12.32 -0.84
CA TYR B 180 -2.86 11.15 -1.76
C TYR B 180 -1.43 10.95 -2.29
N GLN B 181 -0.84 9.77 -2.12
CA GLN B 181 0.57 9.54 -2.52
C GLN B 181 0.62 9.46 -4.05
N MET B 182 1.59 10.11 -4.65
CA MET B 182 1.59 10.45 -6.10
C MET B 182 2.40 9.43 -6.93
N ASN B 183 3.00 8.43 -6.31
CA ASN B 183 3.89 7.44 -7.00
C ASN B 183 4.00 6.19 -6.13
N ASP B 184 4.36 5.04 -6.71
CA ASP B 184 4.37 3.75 -5.98
C ASP B 184 5.30 3.89 -4.78
N TYR B 185 6.45 4.53 -4.96
CA TYR B 185 7.40 4.63 -3.83
C TYR B 185 6.73 5.28 -2.62
N ALA B 186 6.09 6.44 -2.79
CA ALA B 186 5.33 7.13 -1.73
C ALA B 186 4.28 6.19 -1.12
N ILE B 187 3.53 5.47 -1.95
CA ILE B 187 2.52 4.51 -1.41
C ILE B 187 3.22 3.44 -0.55
N THR B 188 4.38 2.90 -0.95
CA THR B 188 5.03 1.81 -0.17
C THR B 188 5.37 2.32 1.24
N LYS B 189 5.78 3.58 1.34
CA LYS B 189 6.18 4.19 2.64
C LYS B 189 4.93 4.38 3.53
N TRP B 190 3.82 4.81 2.95
CA TRP B 190 2.55 4.98 3.70
C TRP B 190 2.03 3.60 4.10
N ALA B 191 2.09 2.62 3.18
CA ALA B 191 1.69 1.22 3.50
C ALA B 191 2.52 0.73 4.70
N GLY B 192 3.83 0.94 4.68
CA GLY B 192 4.73 0.56 5.78
C GLY B 192 4.28 1.16 7.11
N GLU B 193 3.97 2.46 7.11
CA GLU B 193 3.46 3.17 8.33
C GLU B 193 2.21 2.47 8.84
N LEU B 194 1.23 2.25 7.96
CA LEU B 194 -0.03 1.58 8.39
C LEU B 194 0.27 0.19 8.96
N MET B 195 1.14 -0.59 8.30
CA MET B 195 1.48 -1.94 8.77
C MET B 195 2.13 -1.85 10.16
N CYS B 196 3.05 -0.91 10.34
CA CYS B 196 3.65 -0.67 11.70
C CYS B 196 2.55 -0.40 12.74
N MET B 197 1.58 0.47 12.43
CA MET B 197 0.52 0.86 13.41
C MET B 197 -0.38 -0.36 13.67
N ASN B 198 -0.70 -1.14 12.64
CA ASN B 198 -1.54 -2.36 12.84
C ASN B 198 -0.81 -3.41 13.69
N SER B 199 0.49 -3.60 13.51
CA SER B 199 1.33 -4.50 14.32
C SER B 199 1.30 -4.04 15.79
N ALA B 200 1.53 -2.76 16.03
CA ALA B 200 1.49 -2.16 17.41
C ALA B 200 0.10 -2.45 18.04
N GLU B 201 -0.98 -2.28 17.28
CA GLU B 201 -2.35 -2.42 17.81
C GLU B 201 -2.59 -3.88 18.18
N MET B 202 -2.18 -4.82 17.32
N MET B 202 -2.22 -4.82 17.30
CA MET B 202 -2.56 -6.24 17.42
CA MET B 202 -2.57 -6.26 17.42
C MET B 202 -1.59 -6.99 18.35
C MET B 202 -1.61 -6.93 18.42
N PHE B 203 -0.31 -6.61 18.37
CA PHE B 203 0.75 -7.42 19.05
C PHE B 203 1.52 -6.62 20.12
N GLY B 204 1.32 -5.32 20.24
CA GLY B 204 2.06 -4.51 21.23
C GLY B 204 3.50 -4.28 20.79
N THR B 205 3.81 -4.40 19.50
CA THR B 205 5.16 -4.10 18.99
C THR B 205 5.48 -2.62 19.20
N GLU B 206 6.75 -2.31 19.42
CA GLU B 206 7.22 -0.96 19.75
C GLU B 206 8.05 -0.41 18.62
N THR B 207 7.48 0.56 17.91
CA THR B 207 8.07 1.13 16.69
C THR B 207 8.02 2.65 16.71
N VAL B 208 9.09 3.26 16.24
CA VAL B 208 9.13 4.71 15.93
C VAL B 208 9.26 4.81 14.42
N ARG B 209 8.41 5.62 13.81
CA ARG B 209 8.52 5.91 12.36
C ARG B 209 9.27 7.21 12.19
N VAL B 210 10.11 7.30 11.15
CA VAL B 210 10.77 8.58 10.77
C VAL B 210 10.40 8.86 9.32
N ARG B 211 10.20 10.14 9.02
CA ARG B 211 9.97 10.64 7.64
C ARG B 211 11.19 11.49 7.31
N PRO B 212 12.23 10.89 6.69
CA PRO B 212 13.37 11.66 6.21
C PRO B 212 12.86 12.48 5.03
N VAL B 213 13.62 13.49 4.66
CA VAL B 213 13.06 14.58 3.84
C VAL B 213 13.91 14.68 2.56
N ASN B 214 15.06 15.34 2.62
CA ASN B 214 15.91 15.55 1.41
C ASN B 214 17.37 15.50 1.86
N CYS B 215 17.88 14.31 2.14
CA CYS B 215 19.18 14.07 2.82
C CYS B 215 20.32 14.05 1.80
N TYR B 216 21.49 14.55 2.14
CA TYR B 216 22.63 14.62 1.19
C TYR B 216 23.92 14.62 2.00
N GLY B 217 25.02 14.28 1.35
CA GLY B 217 26.36 14.34 1.96
C GLY B 217 27.23 13.13 1.61
N PRO B 218 28.30 12.89 2.39
CA PRO B 218 29.22 11.80 2.12
C PRO B 218 28.56 10.42 2.09
N HIS B 219 29.09 9.56 1.21
CA HIS B 219 28.69 8.14 0.97
C HIS B 219 27.47 8.08 0.06
N GLU B 220 27.03 9.19 -0.50
CA GLU B 220 25.94 9.15 -1.51
C GLU B 220 26.63 9.21 -2.87
N LYS B 221 26.61 8.07 -3.57
CA LYS B 221 27.18 7.94 -4.92
C LYS B 221 26.21 8.58 -5.89
N TYR B 222 26.72 9.02 -7.04
CA TYR B 222 25.86 9.53 -8.13
C TYR B 222 25.25 8.35 -8.86
N SER B 223 23.97 8.48 -9.18
CA SER B 223 23.33 7.75 -10.29
C SER B 223 22.25 8.64 -10.87
N PRO B 224 21.72 8.30 -12.08
CA PRO B 224 20.63 9.06 -12.69
C PRO B 224 19.33 9.02 -11.87
N TYR B 225 19.22 8.14 -10.89
CA TYR B 225 17.97 7.89 -10.12
C TYR B 225 18.10 8.48 -8.72
N LYS B 226 19.17 9.23 -8.47
CA LYS B 226 19.41 9.86 -7.14
C LYS B 226 18.62 11.17 -7.12
N GLY B 227 18.60 11.85 -5.97
CA GLY B 227 17.90 13.14 -5.82
C GLY B 227 18.73 14.27 -6.39
N PHE B 228 18.18 15.48 -6.33
CA PHE B 228 18.64 16.66 -7.09
C PHE B 228 20.04 17.06 -6.65
N ILE B 229 20.39 16.91 -5.36
CA ILE B 229 21.68 17.47 -4.87
C ILE B 229 22.84 16.72 -5.53
N PRO B 230 23.00 15.38 -5.35
CA PRO B 230 24.13 14.66 -5.96
C PRO B 230 24.05 14.72 -7.50
N ILE B 231 22.85 14.80 -8.09
CA ILE B 231 22.77 14.97 -9.57
C ILE B 231 23.47 16.29 -9.95
N PHE B 232 23.08 17.42 -9.33
CA PHE B 232 23.65 18.75 -9.61
C PHE B 232 25.17 18.70 -9.38
N ILE B 233 25.61 18.14 -8.26
CA ILE B 233 27.05 18.16 -7.86
C ILE B 233 27.85 17.35 -8.89
N TYR B 234 27.43 16.11 -9.15
CA TYR B 234 28.18 15.18 -10.04
C TYR B 234 28.26 15.85 -11.43
N HIS B 235 27.12 16.28 -11.95
CA HIS B 235 27.09 16.84 -13.32
C HIS B 235 27.97 18.09 -13.37
N ALA B 236 27.91 18.92 -12.33
CA ALA B 236 28.70 20.17 -12.31
C ALA B 236 30.19 19.83 -12.27
N LEU B 237 30.58 18.89 -11.42
CA LEU B 237 31.99 18.49 -11.34
C LEU B 237 32.46 17.91 -12.70
N HIS B 238 31.55 17.43 -13.53
CA HIS B 238 31.91 16.82 -14.84
C HIS B 238 31.53 17.75 -16.01
N ARG B 239 31.09 18.98 -15.76
CA ARG B 239 30.58 19.97 -16.78
C ARG B 239 29.53 19.32 -17.69
N LYS B 240 28.64 18.51 -17.13
CA LYS B 240 27.56 17.80 -17.87
C LYS B 240 26.24 18.55 -17.69
N PRO B 241 25.39 18.65 -18.73
CA PRO B 241 24.16 19.45 -18.63
C PRO B 241 23.18 18.87 -17.60
N TYR B 242 22.42 19.73 -16.94
CA TYR B 242 21.29 19.31 -16.06
C TYR B 242 20.17 20.34 -16.10
N THR B 243 18.97 19.89 -15.73
CA THR B 243 17.74 20.71 -15.72
C THR B 243 17.42 21.15 -14.29
N VAL B 244 16.98 22.40 -14.15
CA VAL B 244 16.36 22.99 -12.93
C VAL B 244 14.89 23.28 -13.23
N TYR B 245 13.99 22.60 -12.52
CA TYR B 245 12.54 22.91 -12.46
C TYR B 245 12.32 23.95 -11.36
N LYS B 246 12.00 25.19 -11.77
CA LYS B 246 12.14 26.39 -10.90
C LYS B 246 11.04 26.40 -9.83
N GLY B 247 9.81 26.02 -10.20
CA GLY B 247 8.58 26.22 -9.39
C GLY B 247 8.45 25.21 -8.26
N HIS B 248 9.53 24.94 -7.53
CA HIS B 248 9.46 24.02 -6.36
C HIS B 248 10.32 24.59 -5.24
N LYS B 249 10.07 24.14 -4.02
CA LYS B 249 10.91 24.47 -2.84
C LYS B 249 11.19 23.19 -2.08
N ARG B 250 12.36 23.09 -1.48
CA ARG B 250 12.73 21.94 -0.62
C ARG B 250 13.57 22.50 0.54
N ILE B 251 13.59 21.75 1.63
CA ILE B 251 14.58 21.88 2.74
C ILE B 251 15.55 20.69 2.70
N ILE B 252 16.86 20.91 2.52
CA ILE B 252 17.86 19.79 2.45
C ILE B 252 18.62 19.62 3.77
N ASP B 253 18.92 18.37 4.15
CA ASP B 253 19.51 18.00 5.47
C ASP B 253 20.82 17.24 5.27
N TYR B 254 21.89 17.69 5.91
CA TYR B 254 23.22 17.06 5.86
C TYR B 254 23.20 15.79 6.71
N VAL B 255 23.73 14.70 6.14
CA VAL B 255 23.49 13.32 6.61
C VAL B 255 24.11 13.17 7.99
N GLU B 256 25.23 13.83 8.28
CA GLU B 256 25.90 13.65 9.60
C GLU B 256 25.00 14.25 10.68
N ASP B 257 24.25 15.32 10.37
CA ASP B 257 23.23 15.88 11.30
C ASP B 257 22.08 14.87 11.44
N SER B 258 21.47 14.47 10.33
CA SER B 258 20.29 13.57 10.34
C SER B 258 20.57 12.29 11.14
N VAL B 259 21.74 11.63 10.97
CA VAL B 259 22.01 10.34 11.66
C VAL B 259 22.25 10.57 13.16
N ARG B 260 22.75 11.75 13.56
CA ARG B 260 22.81 12.12 15.01
C ARG B 260 21.38 12.10 15.55
N THR B 261 20.43 12.74 14.86
CA THR B 261 19.01 12.71 15.27
C THR B 261 18.51 11.25 15.25
N PHE B 262 18.71 10.49 14.16
CA PHE B 262 18.27 9.06 14.09
C PHE B 262 18.89 8.29 15.25
N ALA B 263 20.17 8.52 15.57
CA ALA B 263 20.82 7.76 16.67
C ALA B 263 20.22 8.13 18.02
N ASN B 264 19.78 9.37 18.19
CA ASN B 264 19.18 9.90 19.39
C ASN B 264 17.86 9.18 19.75
N ILE B 265 17.20 8.57 18.76
CA ILE B 265 15.97 7.77 19.03
C ILE B 265 16.25 6.68 20.07
N VAL B 266 17.42 6.03 20.04
CA VAL B 266 17.78 5.00 21.05
C VAL B 266 17.68 5.63 22.47
N ASP B 267 18.02 6.90 22.62
CA ASP B 267 18.13 7.55 23.97
C ASP B 267 16.74 7.99 24.43
N ASN B 268 15.76 8.15 23.53
CA ASN B 268 14.40 8.54 23.95
C ASN B 268 13.37 7.92 23.00
N PHE B 269 13.13 6.64 23.17
CA PHE B 269 12.31 5.84 22.23
C PHE B 269 10.89 5.83 22.75
N ILE B 270 9.97 6.43 21.99
CA ILE B 270 8.54 6.52 22.39
C ILE B 270 7.72 5.66 21.44
N PRO B 271 7.33 4.44 21.86
CA PRO B 271 6.54 3.55 21.02
C PRO B 271 5.35 4.30 20.43
N GLY B 272 5.14 4.17 19.11
CA GLY B 272 3.96 4.70 18.40
C GLY B 272 4.25 6.02 17.75
N GLU B 273 5.39 6.67 18.06
CA GLU B 273 5.63 8.05 17.57
C GLU B 273 6.11 8.05 16.13
N VAL B 274 6.06 9.23 15.53
CA VAL B 274 6.50 9.48 14.13
C VAL B 274 7.10 10.87 14.08
N TYR B 275 8.27 11.00 13.43
CA TYR B 275 9.04 12.24 13.35
C TYR B 275 9.47 12.55 11.93
N ASN B 276 9.28 13.82 11.60
CA ASN B 276 9.94 14.36 10.41
C ASN B 276 11.37 14.63 10.89
N VAL B 277 12.35 14.20 10.13
CA VAL B 277 13.79 14.46 10.42
C VAL B 277 14.37 15.05 9.15
N GLY B 278 14.87 16.28 9.27
CA GLY B 278 15.47 17.02 8.15
C GLY B 278 16.28 18.19 8.68
N GLY B 279 16.36 19.25 7.91
CA GLY B 279 17.12 20.43 8.36
C GLY B 279 16.28 21.29 9.32
N ARG B 280 15.92 22.46 8.86
CA ARG B 280 15.14 23.46 9.65
C ARG B 280 14.09 24.06 8.73
N THR B 281 12.88 24.38 9.25
CA THR B 281 11.80 24.98 8.43
C THR B 281 12.35 26.20 7.67
N GLU B 282 13.20 27.00 8.32
CA GLU B 282 13.76 28.26 7.74
C GLU B 282 14.90 27.99 6.74
N TRP B 283 15.30 26.73 6.50
CA TRP B 283 16.32 26.41 5.46
C TRP B 283 15.65 26.13 4.10
N GLU B 284 14.37 26.43 3.95
CA GLU B 284 13.60 26.24 2.69
C GLU B 284 14.20 27.15 1.62
N HIS B 285 14.33 26.59 0.42
CA HIS B 285 14.84 27.36 -0.74
C HIS B 285 14.22 26.82 -2.03
N ASP B 286 14.12 27.67 -3.03
CA ASP B 286 13.68 27.21 -4.37
C ASP B 286 14.86 26.49 -5.06
N ILE B 287 14.55 25.72 -6.11
CA ILE B 287 15.53 24.76 -6.70
C ILE B 287 16.70 25.53 -7.34
N LYS B 288 16.43 26.65 -8.02
CA LYS B 288 17.51 27.49 -8.62
C LYS B 288 18.49 27.92 -7.53
N GLU B 289 18.00 28.29 -6.34
CA GLU B 289 18.90 28.71 -5.22
C GLU B 289 19.87 27.57 -4.91
N TYR B 290 19.40 26.32 -4.84
CA TYR B 290 20.28 25.16 -4.56
C TYR B 290 21.26 24.94 -5.72
N SER B 291 20.79 25.01 -6.96
CA SER B 291 21.67 24.87 -8.16
C SER B 291 22.83 25.90 -8.07
N ASP B 292 22.47 27.17 -7.78
CA ASP B 292 23.42 28.32 -7.66
C ASP B 292 24.46 28.02 -6.57
N MET B 293 24.05 27.44 -5.44
CA MET B 293 25.00 27.05 -4.35
C MET B 293 25.97 25.96 -4.87
N VAL B 294 25.47 24.93 -5.58
CA VAL B 294 26.33 23.87 -6.17
C VAL B 294 27.32 24.52 -7.16
N LEU B 295 26.84 25.31 -8.11
CA LEU B 295 27.70 25.92 -9.15
C LEU B 295 28.78 26.81 -8.50
N GLU B 296 28.41 27.58 -7.47
CA GLU B 296 29.36 28.46 -6.76
C GLU B 296 30.43 27.60 -6.08
N ALA B 297 30.07 26.49 -5.42
CA ALA B 297 31.03 25.60 -4.71
C ALA B 297 31.93 24.86 -5.71
N VAL B 298 31.42 24.62 -6.93
CA VAL B 298 32.26 23.97 -7.98
C VAL B 298 33.19 25.03 -8.58
N GLY B 299 32.69 26.24 -8.82
CA GLY B 299 33.53 27.33 -9.36
C GLY B 299 33.24 27.59 -10.82
N ILE B 300 31.99 27.34 -11.25
CA ILE B 300 31.59 27.54 -12.68
C ILE B 300 30.27 28.31 -12.70
N ASP B 301 29.83 28.74 -13.86
CA ASP B 301 28.52 29.44 -14.01
C ASP B 301 27.49 28.39 -14.43
N ASP B 302 26.29 28.83 -14.78
CA ASP B 302 25.09 27.96 -14.97
C ASP B 302 24.86 27.70 -16.47
N SER B 303 25.87 27.84 -17.33
CA SER B 303 25.71 27.62 -18.80
C SER B 303 25.29 26.16 -19.06
N ILE B 304 25.66 25.24 -18.15
CA ILE B 304 25.29 23.80 -18.28
C ILE B 304 23.82 23.58 -17.89
N VAL B 305 23.14 24.58 -17.33
CA VAL B 305 21.75 24.45 -16.78
C VAL B 305 20.71 24.81 -17.84
N THR B 306 19.67 23.99 -18.00
CA THR B 306 18.40 24.31 -18.72
C THR B 306 17.29 24.57 -17.69
N TYR B 307 16.61 25.70 -17.77
CA TYR B 307 15.55 26.10 -16.81
C TYR B 307 14.19 25.65 -17.37
N ARG B 308 13.38 24.94 -16.58
CA ARG B 308 11.95 24.65 -16.89
C ARG B 308 11.08 25.22 -15.76
N GLU B 309 9.78 25.38 -15.99
CA GLU B 309 8.84 25.99 -15.02
C GLU B 309 8.63 25.03 -13.82
N SER B 310 8.20 23.80 -14.06
CA SER B 310 7.92 22.82 -12.97
C SER B 310 7.90 21.38 -13.47
N GLU B 311 8.30 20.45 -12.60
CA GLU B 311 8.37 19.01 -12.94
C GLU B 311 6.97 18.43 -12.74
N PRO B 312 6.38 17.79 -13.77
CA PRO B 312 5.06 17.17 -13.61
C PRO B 312 5.09 16.08 -12.52
N PHE B 313 3.94 15.82 -11.91
CA PHE B 313 3.71 14.70 -10.95
C PHE B 313 4.71 14.80 -9.78
N THR B 314 5.22 16.00 -9.49
CA THR B 314 6.24 16.24 -8.44
C THR B 314 5.67 17.21 -7.40
N THR B 315 5.87 16.94 -6.12
CA THR B 315 5.40 17.82 -5.03
C THR B 315 5.98 19.23 -5.25
N LYS B 316 5.16 20.28 -5.16
CA LYS B 316 5.58 21.70 -5.33
C LYS B 316 6.49 22.11 -4.15
N VAL B 317 5.97 22.01 -2.94
CA VAL B 317 6.67 22.54 -1.73
C VAL B 317 6.57 21.49 -0.61
N LYS B 318 7.64 21.33 0.15
CA LYS B 318 7.72 20.37 1.28
C LYS B 318 8.16 21.19 2.49
N THR B 319 7.26 22.07 2.95
CA THR B 319 7.50 22.96 4.11
C THR B 319 7.33 22.12 5.38
N MET B 320 8.44 21.65 5.94
CA MET B 320 8.41 20.63 7.00
C MET B 320 8.38 21.34 8.35
N ASP B 321 7.72 20.69 9.29
CA ASP B 321 7.71 21.01 10.73
C ASP B 321 8.61 20.01 11.45
N PHE B 322 9.66 20.47 12.13
CA PHE B 322 10.62 19.56 12.84
C PHE B 322 10.47 19.72 14.35
N SER B 323 9.37 20.32 14.79
CA SER B 323 9.18 20.72 16.20
C SER B 323 9.17 19.44 17.06
N LYS B 324 8.63 18.35 16.56
CA LYS B 324 8.55 17.10 17.34
C LYS B 324 9.96 16.51 17.52
N ALA B 325 10.80 16.53 16.48
CA ALA B 325 12.18 15.98 16.56
C ALA B 325 12.99 16.88 17.52
N ILE B 326 12.77 18.20 17.44
CA ILE B 326 13.44 19.16 18.35
C ILE B 326 13.04 18.82 19.78
N ARG B 327 11.78 18.47 20.03
CA ARG B 327 11.26 18.18 21.40
C ARG B 327 11.84 16.87 21.92
N ASP B 328 11.75 15.77 21.15
CA ASP B 328 11.99 14.42 21.68
C ASP B 328 13.41 13.92 21.38
N LEU B 329 14.03 14.37 20.31
CA LEU B 329 15.22 13.69 19.75
C LEU B 329 16.42 14.60 19.75
N LYS B 330 16.34 15.72 20.48
CA LYS B 330 17.47 16.67 20.59
C LYS B 330 17.88 17.10 19.19
N HIS B 331 16.92 17.18 18.25
CA HIS B 331 17.26 17.56 16.87
C HIS B 331 17.92 18.95 16.89
N ASP B 332 19.11 19.05 16.36
CA ASP B 332 19.90 20.31 16.42
C ASP B 332 20.93 20.33 15.30
N PRO B 333 20.50 20.45 14.03
CA PRO B 333 21.41 20.33 12.92
C PRO B 333 22.42 21.49 12.93
N GLN B 334 23.69 21.18 12.69
CA GLN B 334 24.83 22.15 12.71
C GLN B 334 25.16 22.61 11.28
N VAL B 335 24.74 21.90 10.24
CA VAL B 335 25.32 22.09 8.87
C VAL B 335 24.23 22.54 7.91
N PRO B 336 24.07 23.86 7.64
CA PRO B 336 23.04 24.36 6.74
C PRO B 336 23.44 24.13 5.30
N PRO B 337 22.52 24.32 4.33
CA PRO B 337 22.76 23.95 2.94
C PRO B 337 24.07 24.49 2.35
N GLU B 338 24.36 25.77 2.56
CA GLU B 338 25.53 26.45 1.95
C GLU B 338 26.79 25.65 2.31
N GLU B 339 27.01 25.39 3.60
CA GLU B 339 28.21 24.67 4.10
C GLU B 339 28.09 23.19 3.70
N GLY B 340 26.90 22.59 3.85
CA GLY B 340 26.67 21.17 3.50
C GLY B 340 27.07 20.88 2.07
N ILE B 341 26.59 21.70 1.14
CA ILE B 341 26.88 21.52 -0.29
C ILE B 341 28.40 21.63 -0.53
N ARG B 342 29.08 22.57 0.11
CA ARG B 342 30.56 22.68 0.01
C ARG B 342 31.20 21.34 0.44
N ARG B 343 30.78 20.77 1.56
CA ARG B 343 31.42 19.54 2.09
C ARG B 343 31.13 18.34 1.16
N THR B 344 29.95 18.33 0.54
CA THR B 344 29.51 17.20 -0.33
C THR B 344 30.28 17.28 -1.65
N VAL B 345 30.41 18.47 -2.24
CA VAL B 345 31.32 18.71 -3.41
C VAL B 345 32.72 18.15 -3.06
N GLU B 346 33.26 18.50 -1.90
CA GLU B 346 34.60 18.05 -1.48
C GLU B 346 34.61 16.51 -1.45
N TRP B 347 33.59 15.87 -0.87
CA TRP B 347 33.61 14.39 -0.69
C TRP B 347 33.54 13.73 -2.08
N MET B 348 32.70 14.25 -2.98
CA MET B 348 32.56 13.58 -4.30
C MET B 348 33.89 13.67 -5.07
N LYS B 349 34.57 14.83 -5.04
CA LYS B 349 35.93 14.99 -5.62
C LYS B 349 36.88 13.90 -5.12
N TRP B 350 36.92 13.63 -3.81
CA TRP B 350 37.79 12.55 -3.24
C TRP B 350 37.34 11.20 -3.80
N TYR B 351 36.05 10.88 -3.64
CA TYR B 351 35.56 9.52 -4.01
C TYR B 351 35.85 9.21 -5.48
N TYR B 352 35.45 10.10 -6.36
CA TYR B 352 35.62 9.87 -7.82
C TYR B 352 36.99 10.36 -8.30
N ARG B 353 37.99 10.41 -7.41
CA ARG B 353 39.38 10.79 -7.77
C ARG B 353 39.44 11.90 -8.84
#